data_6M92
#
_entry.id   6M92
#
_cell.length_a   82.590
_cell.length_b   82.590
_cell.length_c   111.110
_cell.angle_alpha   90.000
_cell.angle_beta   90.000
_cell.angle_gamma   120.000
#
_symmetry.space_group_name_H-M   'P 31'
#
loop_
_entity.id
_entity.type
_entity.pdbx_description
1 polymer 'F-box/WD repeat-containing protein 1A'
2 polymer 'S-phase kinase-associated protein 1'
3 polymer 'Catenin beta-1'
4 non-polymer '3-{[2-oxo-4-phenoxy-6-(trifluoromethyl)-1,2-dihydropyridine-3-carbonyl]amino}benzoic acid'
5 non-polymer 'PHOSPHATE ION'
6 water water
#
loop_
_entity_poly.entity_id
_entity_poly.type
_entity_poly.pdbx_seq_one_letter_code
_entity_poly.pdbx_strand_id
1 'polypeptide(L)'
;SMLQRDFITALPARGLDHIAENILSYLDAKSLCAAELVCKEWYRVTSDGMLWKKLIERMVRTDSLWRGLAERRGWGQYLF
KNKPPDGNAPPNSFYRALYPKIIQDIETIESNWRCGRHSLQRIHCRSETSKGVYCLQYDDQKIVSGLRDNTIKIWDKNTL
ECKRILTGHTGSVLCLQYDERVIITGSSDSTVRVWDVNTGEMLNTLIHHCEAVLHLRFNNGMMVTCSKDRSIAVWDMASP
TDITLRRVLVGHRAAVNVVDFDDKYIVSASGDRTIKVWNTSTCEFVRTLNGHKRGIACLQYRDRLVVSGSSDNTIRLWDI
ECGACLRVLEGHEELVRCIRFDNKRIVSGAYDGKIKVWDLVAALDPRAPAGTLCLRTLVEHSGRVFRLQFDEFQIVSSSH
DDTILIWDFLNDPAAQAEPPRSPSRTYTYISR
;
A
2 'polypeptide(L)'
;PSIKLQSSDGEIFEVDVEIAKQSVTIKTMLEDLGMDPVPLPNVNAAILKKVIQWCTHHKDDPPDDIPVWDQEFLKVDQGT
LFELILAANYLDIKGLLDVTCKTVANMIKGKTPEEIRKTFNIKNDFTEEEEAQVRKENQWCEEK
;
B
3 'polypeptide(L)' CDRKAAVSHWQQQSYLD(SEP)GIHSGATTTAPSLSG C
#
# COMPACT_ATOMS: atom_id res chain seq x y z
N SER A 1 -20.13 -10.38 35.98
CA SER A 1 -21.29 -10.45 36.83
C SER A 1 -22.50 -10.97 36.06
N MET A 2 -23.03 -10.14 35.17
CA MET A 2 -24.12 -10.56 34.31
C MET A 2 -23.55 -11.52 33.28
N LEU A 3 -24.32 -12.57 32.91
CA LEU A 3 -23.77 -13.52 31.93
C LEU A 3 -23.69 -12.90 30.52
N GLN A 4 -24.78 -12.30 30.06
CA GLN A 4 -24.85 -11.70 28.73
C GLN A 4 -25.30 -10.25 28.84
N ARG A 5 -24.98 -9.48 27.79
CA ARG A 5 -25.20 -8.05 27.82
C ARG A 5 -25.27 -7.60 26.37
N ASP A 6 -26.33 -6.87 26.01
CA ASP A 6 -26.48 -6.29 24.68
C ASP A 6 -25.63 -5.02 24.61
N PHE A 7 -24.36 -5.21 24.22
CA PHE A 7 -23.43 -4.09 24.13
C PHE A 7 -23.97 -2.97 23.26
N ILE A 8 -24.55 -3.31 22.11
CA ILE A 8 -24.92 -2.28 21.14
C ILE A 8 -26.15 -1.50 21.61
N THR A 9 -27.03 -2.13 22.39
CA THR A 9 -28.11 -1.37 23.02
C THR A 9 -27.64 -0.65 24.28
N ALA A 10 -26.81 -1.32 25.10
CA ALA A 10 -26.47 -0.81 26.43
C ALA A 10 -25.61 0.45 26.33
N LEU A 11 -24.63 0.46 25.43
CA LEU A 11 -23.71 1.59 25.33
C LEU A 11 -24.39 2.90 24.97
N PRO A 12 -25.23 2.97 23.93
CA PRO A 12 -25.94 4.24 23.68
C PRO A 12 -26.83 4.62 24.84
N ALA A 13 -27.35 3.63 25.57
CA ALA A 13 -28.28 3.92 26.64
C ALA A 13 -27.60 4.78 27.70
N ARG A 14 -26.29 4.59 27.87
CA ARG A 14 -25.51 5.34 28.84
C ARG A 14 -24.82 6.54 28.22
N GLY A 15 -25.20 6.94 27.01
CA GLY A 15 -24.55 8.08 26.39
C GLY A 15 -23.20 7.73 25.82
N LEU A 16 -22.96 6.45 25.53
CA LEU A 16 -21.68 6.11 24.92
C LEU A 16 -21.88 5.59 23.50
N ASP A 17 -22.69 6.29 22.71
CA ASP A 17 -22.99 5.84 21.34
C ASP A 17 -21.73 5.56 20.53
N HIS A 18 -20.70 6.42 20.67
CA HIS A 18 -19.51 6.28 19.86
C HIS A 18 -18.79 4.96 20.09
N ILE A 19 -18.80 4.44 21.32
CA ILE A 19 -18.21 3.13 21.57
C ILE A 19 -18.97 2.05 20.82
N ALA A 20 -20.30 2.10 20.85
CA ALA A 20 -21.10 1.14 20.08
C ALA A 20 -20.81 1.28 18.59
N GLU A 21 -20.73 2.51 18.09
CA GLU A 21 -20.39 2.72 16.69
C GLU A 21 -19.00 2.18 16.38
N ASN A 22 -18.05 2.37 17.29
CA ASN A 22 -16.69 1.89 17.05
C ASN A 22 -16.64 0.38 16.96
N ILE A 23 -17.36 -0.31 17.85
CA ILE A 23 -17.48 -1.77 17.76
C ILE A 23 -17.96 -2.17 16.36
N LEU A 24 -19.06 -1.59 15.90
CA LEU A 24 -19.60 -1.98 14.61
C LEU A 24 -18.70 -1.59 13.44
N SER A 25 -17.88 -0.55 13.61
CA SER A 25 -17.02 -0.14 12.50
C SER A 25 -16.00 -1.20 12.12
N TYR A 26 -15.78 -2.20 12.97
CA TYR A 26 -14.83 -3.25 12.66
C TYR A 26 -15.44 -4.33 11.77
N LEU A 27 -16.76 -4.35 11.65
CA LEU A 27 -17.43 -5.35 10.84
C LEU A 27 -17.13 -5.17 9.36
N ASP A 28 -16.96 -6.30 8.68
CA ASP A 28 -17.05 -6.33 7.23
C ASP A 28 -18.49 -6.05 6.79
N ALA A 29 -18.65 -5.79 5.49
CA ALA A 29 -19.96 -5.41 4.95
C ALA A 29 -21.04 -6.39 5.35
N LYS A 30 -20.79 -7.69 5.16
CA LYS A 30 -21.85 -8.68 5.37
C LYS A 30 -22.23 -8.76 6.84
N SER A 31 -21.24 -8.61 7.72
CA SER A 31 -21.54 -8.60 9.15
C SER A 31 -22.25 -7.31 9.56
N LEU A 32 -21.97 -6.21 8.85
CA LEU A 32 -22.68 -4.96 9.10
C LEU A 32 -24.14 -5.07 8.66
N CYS A 33 -24.38 -5.76 7.54
CA CYS A 33 -25.75 -6.09 7.14
C CYS A 33 -26.43 -6.95 8.20
N ALA A 34 -25.73 -7.96 8.71
CA ALA A 34 -26.29 -8.79 9.77
C ALA A 34 -26.65 -7.94 10.98
N ALA A 35 -25.74 -7.05 11.39
CA ALA A 35 -25.99 -6.21 12.56
C ALA A 35 -27.27 -5.38 12.38
N GLU A 36 -27.49 -4.87 11.17
CA GLU A 36 -28.71 -4.10 10.88
C GLU A 36 -29.98 -4.88 11.23
N LEU A 37 -29.97 -6.18 11.03
CA LEU A 37 -31.16 -7.00 11.21
C LEU A 37 -31.24 -7.67 12.58
N VAL A 38 -30.36 -7.30 13.51
CA VAL A 38 -30.39 -7.92 14.83
C VAL A 38 -31.61 -7.46 15.62
N CYS A 39 -31.91 -6.16 15.56
CA CYS A 39 -33.03 -5.56 16.27
C CYS A 39 -33.04 -4.07 15.95
N LYS A 40 -34.16 -3.42 16.29
CA LYS A 40 -34.38 -2.03 15.90
C LYS A 40 -33.28 -1.10 16.40
N GLU A 41 -32.83 -1.31 17.65
CA GLU A 41 -31.82 -0.42 18.20
C GLU A 41 -30.47 -0.61 17.51
N TRP A 42 -30.12 -1.87 17.18
CA TRP A 42 -28.90 -2.10 16.41
C TRP A 42 -28.96 -1.39 15.07
N TYR A 43 -30.10 -1.47 14.39
CA TYR A 43 -30.26 -0.76 13.12
C TYR A 43 -30.07 0.73 13.32
N ARG A 44 -30.69 1.29 14.36
CA ARG A 44 -30.58 2.72 14.61
C ARG A 44 -29.13 3.13 14.86
N VAL A 45 -28.37 2.29 15.57
CA VAL A 45 -26.98 2.63 15.85
C VAL A 45 -26.18 2.68 14.56
N THR A 46 -26.41 1.70 13.67
CA THR A 46 -25.66 1.70 12.41
C THR A 46 -26.10 2.86 11.52
N SER A 47 -27.38 3.20 11.56
CA SER A 47 -27.91 4.24 10.67
C SER A 47 -27.57 5.64 11.17
N ASP A 48 -27.96 5.96 12.40
CA ASP A 48 -27.54 7.21 13.02
C ASP A 48 -26.02 7.33 13.13
N GLY A 49 -25.33 6.19 13.19
CA GLY A 49 -23.89 6.27 13.24
C GLY A 49 -23.21 6.41 11.90
N MET A 50 -23.98 6.37 10.81
CA MET A 50 -23.45 6.49 9.47
C MET A 50 -22.37 5.43 9.22
N LEU A 51 -22.71 4.18 9.57
CA LEU A 51 -21.70 3.12 9.54
C LEU A 51 -21.30 2.76 8.12
N TRP A 52 -22.23 2.89 7.17
CA TRP A 52 -21.90 2.57 5.79
C TRP A 52 -20.98 3.63 5.19
N LYS A 53 -21.21 4.90 5.52
CA LYS A 53 -20.27 5.95 5.17
C LYS A 53 -18.89 5.68 5.77
N LYS A 54 -18.86 5.32 7.06
CA LYS A 54 -17.57 5.05 7.70
C LYS A 54 -16.90 3.84 7.08
N LEU A 55 -17.67 2.86 6.61
CA LEU A 55 -17.08 1.67 6.01
C LEU A 55 -16.42 1.99 4.68
N ILE A 56 -17.09 2.79 3.83
CA ILE A 56 -16.51 3.20 2.56
C ILE A 56 -15.26 4.05 2.78
N GLU A 57 -15.31 4.94 3.78
CA GLU A 57 -14.16 5.79 4.08
C GLU A 57 -12.95 4.98 4.55
N ARG A 58 -13.18 3.95 5.36
CA ARG A 58 -12.07 3.11 5.79
C ARG A 58 -11.41 2.42 4.61
N MET A 59 -12.22 1.97 3.65
CA MET A 59 -11.68 1.34 2.45
C MET A 59 -10.86 2.33 1.64
N VAL A 60 -11.38 3.54 1.44
CA VAL A 60 -10.62 4.53 0.67
C VAL A 60 -9.29 4.78 1.37
N ARG A 61 -9.32 4.79 2.70
CA ARG A 61 -8.13 4.97 3.51
C ARG A 61 -7.21 3.75 3.43
N THR A 62 -7.76 2.56 3.18
CA THR A 62 -6.98 1.33 3.29
C THR A 62 -6.80 0.60 1.97
N ASP A 63 -7.37 1.09 0.87
CA ASP A 63 -7.30 0.35 -0.39
C ASP A 63 -7.19 1.34 -1.54
N SER A 64 -6.04 1.35 -2.23
CA SER A 64 -5.86 2.31 -3.31
C SER A 64 -6.88 2.09 -4.41
N LEU A 65 -7.37 0.85 -4.57
CA LEU A 65 -8.42 0.58 -5.54
C LEU A 65 -9.69 1.34 -5.20
N TRP A 66 -10.14 1.26 -3.94
CA TRP A 66 -11.29 2.04 -3.50
C TRP A 66 -11.01 3.54 -3.60
N ARG A 67 -9.81 3.96 -3.20
CA ARG A 67 -9.44 5.37 -3.33
C ARG A 67 -9.49 5.82 -4.78
N GLY A 68 -8.89 5.02 -5.68
CA GLY A 68 -8.89 5.36 -7.09
C GLY A 68 -10.30 5.46 -7.66
N LEU A 69 -11.19 4.57 -7.22
CA LEU A 69 -12.57 4.57 -7.71
C LEU A 69 -13.33 5.78 -7.18
N ALA A 70 -13.06 6.13 -5.96
CA ALA A 70 -13.77 7.22 -5.39
C ALA A 70 -13.46 8.39 -6.25
N GLU A 71 -12.19 8.53 -6.60
CA GLU A 71 -11.82 9.65 -7.42
C GLU A 71 -12.34 9.60 -8.83
N ARG A 72 -12.18 8.47 -9.48
CA ARG A 72 -12.64 8.35 -10.84
C ARG A 72 -14.14 8.39 -11.07
N ARG A 73 -14.87 7.67 -10.26
CA ARG A 73 -16.32 7.58 -10.38
C ARG A 73 -17.06 8.78 -9.80
N GLY A 74 -16.41 9.57 -8.95
CA GLY A 74 -17.02 10.76 -8.38
C GLY A 74 -17.79 10.61 -7.09
N TRP A 75 -18.08 9.39 -6.62
CA TRP A 75 -18.71 9.30 -5.31
C TRP A 75 -17.79 9.73 -4.18
N GLY A 76 -16.47 9.80 -4.42
CA GLY A 76 -15.55 10.35 -3.43
C GLY A 76 -15.88 11.76 -2.99
N GLN A 77 -16.59 12.53 -3.83
CA GLN A 77 -17.04 13.86 -3.45
C GLN A 77 -17.88 13.85 -2.17
N TYR A 78 -18.60 12.77 -1.91
CA TYR A 78 -19.48 12.74 -0.74
C TYR A 78 -18.79 12.35 0.56
N LEU A 79 -17.52 11.98 0.54
CA LEU A 79 -16.86 11.43 1.73
C LEU A 79 -16.10 12.54 2.45
N PHE A 80 -15.96 12.35 3.77
CA PHE A 80 -15.19 13.24 4.64
C PHE A 80 -15.82 14.64 4.62
N PRO A 90 -26.39 13.88 2.44
CA PRO A 90 -26.48 12.50 1.94
C PRO A 90 -26.69 11.50 3.06
N PRO A 91 -27.84 10.84 3.10
CA PRO A 91 -28.21 10.04 4.26
C PRO A 91 -27.45 8.72 4.28
N ASN A 92 -27.57 8.03 5.43
CA ASN A 92 -26.95 6.73 5.57
C ASN A 92 -27.35 5.78 4.44
N SER A 93 -28.63 5.79 4.08
CA SER A 93 -29.14 4.86 3.07
C SER A 93 -28.46 5.05 1.72
N PHE A 94 -27.96 6.25 1.43
CA PHE A 94 -27.24 6.46 0.17
C PHE A 94 -25.98 5.62 0.12
N TYR A 95 -25.21 5.60 1.22
CA TYR A 95 -23.98 4.81 1.25
C TYR A 95 -24.26 3.31 1.28
N ARG A 96 -25.33 2.90 1.96
CA ARG A 96 -25.69 1.48 1.96
C ARG A 96 -26.02 0.99 0.56
N ALA A 97 -26.75 1.79 -0.22
CA ALA A 97 -27.07 1.41 -1.59
C ALA A 97 -25.85 1.56 -2.51
N LEU A 98 -24.91 2.44 -2.18
CA LEU A 98 -23.73 2.62 -3.01
C LEU A 98 -22.79 1.42 -2.90
N TYR A 99 -22.64 0.87 -1.69
CA TYR A 99 -21.63 -0.16 -1.44
C TYR A 99 -21.67 -1.31 -2.45
N PRO A 100 -22.82 -1.92 -2.75
CA PRO A 100 -22.81 -2.98 -3.78
C PRO A 100 -22.42 -2.49 -5.16
N LYS A 101 -22.70 -1.23 -5.50
CA LYS A 101 -22.27 -0.72 -6.79
C LYS A 101 -20.75 -0.67 -6.89
N ILE A 102 -20.08 -0.34 -5.78
CA ILE A 102 -18.62 -0.36 -5.75
C ILE A 102 -18.11 -1.78 -5.93
N ILE A 103 -18.72 -2.73 -5.23
CA ILE A 103 -18.34 -4.14 -5.36
C ILE A 103 -18.46 -4.58 -6.82
N GLN A 104 -19.61 -4.32 -7.43
CA GLN A 104 -19.80 -4.70 -8.82
C GLN A 104 -18.76 -4.02 -9.71
N ASP A 105 -18.43 -2.76 -9.41
CA ASP A 105 -17.43 -2.04 -10.18
C ASP A 105 -16.08 -2.74 -10.10
N ILE A 106 -15.66 -3.10 -8.90
CA ILE A 106 -14.42 -3.87 -8.71
C ILE A 106 -14.47 -5.16 -9.53
N GLU A 107 -15.59 -5.88 -9.43
CA GLU A 107 -15.73 -7.14 -10.15
C GLU A 107 -15.55 -6.97 -11.65
N THR A 108 -16.16 -5.94 -12.22
CA THR A 108 -16.02 -5.70 -13.66
C THR A 108 -14.58 -5.32 -14.02
N ILE A 109 -13.91 -4.56 -13.17
CA ILE A 109 -12.51 -4.23 -13.43
C ILE A 109 -11.65 -5.48 -13.39
N GLU A 110 -11.84 -6.31 -12.35
CA GLU A 110 -11.06 -7.54 -12.25
C GLU A 110 -11.33 -8.47 -13.43
N SER A 111 -12.59 -8.51 -13.89
CA SER A 111 -12.90 -9.29 -15.07
C SER A 111 -12.20 -8.75 -16.30
N ASN A 112 -12.15 -7.42 -16.45
CA ASN A 112 -11.51 -6.82 -17.60
C ASN A 112 -10.03 -7.16 -17.64
N TRP A 113 -9.37 -7.16 -16.47
CA TRP A 113 -7.98 -7.57 -16.41
C TRP A 113 -7.82 -9.03 -16.85
N ARG A 114 -8.60 -9.93 -16.23
CA ARG A 114 -8.46 -11.35 -16.53
C ARG A 114 -8.74 -11.64 -18.00
N CYS A 115 -9.66 -10.89 -18.62
CA CYS A 115 -10.07 -11.14 -19.99
C CYS A 115 -9.45 -10.17 -21.00
N GLY A 116 -8.64 -9.22 -20.54
CA GLY A 116 -8.00 -8.32 -21.47
C GLY A 116 -8.88 -7.30 -22.12
N ARG A 117 -10.03 -6.99 -21.53
CA ARG A 117 -10.91 -5.99 -22.12
C ARG A 117 -10.43 -4.63 -21.64
N HIS A 118 -10.14 -3.74 -22.59
CA HIS A 118 -9.59 -2.44 -22.26
C HIS A 118 -9.87 -1.50 -23.42
N SER A 119 -9.80 -0.20 -23.12
CA SER A 119 -9.64 0.81 -24.15
C SER A 119 -8.18 1.20 -24.29
N LEU A 120 -7.87 1.86 -25.40
CA LEU A 120 -6.49 2.14 -25.75
C LEU A 120 -6.36 3.58 -26.23
N GLN A 121 -5.43 4.31 -25.64
CA GLN A 121 -4.97 5.59 -26.15
C GLN A 121 -3.54 5.40 -26.67
N ARG A 122 -3.24 6.03 -27.80
CA ARG A 122 -1.96 5.84 -28.45
C ARG A 122 -1.38 7.22 -28.66
N ILE A 123 -0.24 7.51 -28.02
CA ILE A 123 0.51 8.73 -28.31
C ILE A 123 1.62 8.41 -29.31
N HIS A 124 1.60 9.12 -30.44
CA HIS A 124 2.72 9.12 -31.37
C HIS A 124 3.67 10.25 -30.95
N CYS A 125 4.85 9.90 -30.47
CA CYS A 125 5.79 10.91 -29.99
C CYS A 125 6.38 11.77 -31.10
N ARG A 126 6.27 11.34 -32.37
CA ARG A 126 6.66 12.18 -33.51
C ARG A 126 8.13 12.60 -33.42
N SER A 127 8.97 11.68 -32.95
CA SER A 127 10.41 11.93 -32.89
C SER A 127 10.97 12.17 -34.29
N GLU A 128 11.70 13.29 -34.44
CA GLU A 128 12.18 13.70 -35.75
C GLU A 128 13.24 12.74 -36.29
N THR A 129 14.19 12.32 -35.43
CA THR A 129 15.29 11.53 -35.96
C THR A 129 15.37 10.13 -35.37
N SER A 130 15.93 10.04 -34.16
CA SER A 130 16.11 8.78 -33.47
C SER A 130 14.84 8.43 -32.70
N LYS A 131 14.12 7.42 -33.16
CA LYS A 131 12.82 7.11 -32.58
C LYS A 131 12.99 6.27 -31.31
N GLY A 132 12.08 6.48 -30.37
CA GLY A 132 11.88 5.56 -29.25
C GLY A 132 11.81 6.25 -27.90
N VAL A 133 11.06 5.64 -26.98
CA VAL A 133 10.82 6.16 -25.64
C VAL A 133 11.38 5.16 -24.64
N TYR A 134 12.51 5.51 -24.01
CA TYR A 134 13.22 4.57 -23.15
C TYR A 134 12.59 4.44 -21.77
N CYS A 135 11.88 5.46 -21.29
CA CYS A 135 11.48 5.50 -19.90
C CYS A 135 10.30 6.46 -19.74
N LEU A 136 9.60 6.31 -18.61
CA LEU A 136 8.38 7.07 -18.39
C LEU A 136 7.97 6.92 -16.93
N GLN A 137 7.24 7.94 -16.44
CA GLN A 137 6.51 7.88 -15.19
C GLN A 137 5.27 8.74 -15.36
N TYR A 138 4.19 8.38 -14.67
CA TYR A 138 2.94 9.10 -14.88
C TYR A 138 2.20 9.27 -13.57
N ASP A 139 1.31 10.27 -13.55
CA ASP A 139 0.34 10.44 -12.49
C ASP A 139 -0.99 10.77 -13.16
N ASP A 140 -1.93 11.29 -12.38
CA ASP A 140 -3.25 11.62 -12.92
C ASP A 140 -3.21 12.85 -13.82
N GLN A 141 -2.20 13.70 -13.66
CA GLN A 141 -2.07 14.91 -14.46
C GLN A 141 -1.20 14.74 -15.71
N LYS A 142 -0.13 13.96 -15.65
CA LYS A 142 0.87 14.03 -16.71
C LYS A 142 1.57 12.69 -16.89
N ILE A 143 2.14 12.53 -18.09
CA ILE A 143 3.13 11.50 -18.38
C ILE A 143 4.46 12.20 -18.69
N VAL A 144 5.49 11.87 -17.94
CA VAL A 144 6.84 12.35 -18.21
C VAL A 144 7.62 11.23 -18.87
N SER A 145 8.27 11.52 -20.00
CA SER A 145 8.87 10.49 -20.83
C SER A 145 10.26 10.91 -21.28
N GLY A 146 11.17 9.95 -21.33
CA GLY A 146 12.53 10.17 -21.80
C GLY A 146 12.75 9.47 -23.13
N LEU A 147 13.42 10.16 -24.06
CA LEU A 147 13.40 9.75 -25.46
C LEU A 147 14.82 9.58 -25.97
N ARG A 148 14.96 8.71 -26.98
CA ARG A 148 16.23 8.51 -27.67
C ARG A 148 16.67 9.73 -28.46
N ASP A 149 15.80 10.71 -28.67
CA ASP A 149 16.21 11.95 -29.31
C ASP A 149 16.81 12.97 -28.36
N ASN A 150 17.08 12.59 -27.11
CA ASN A 150 17.80 13.37 -26.10
C ASN A 150 16.86 14.28 -25.31
N THR A 151 15.55 14.20 -25.52
CA THR A 151 14.65 15.09 -24.81
C THR A 151 13.83 14.36 -23.76
N ILE A 152 13.26 15.15 -22.87
CA ILE A 152 12.19 14.72 -21.99
C ILE A 152 10.93 15.42 -22.49
N LYS A 153 9.90 14.64 -22.79
CA LYS A 153 8.61 15.20 -23.19
C LYS A 153 7.59 14.94 -22.10
N ILE A 154 6.87 15.98 -21.71
CA ILE A 154 5.81 15.88 -20.72
C ILE A 154 4.47 15.96 -21.45
N TRP A 155 3.65 14.93 -21.28
CA TRP A 155 2.35 14.85 -21.95
C TRP A 155 1.24 15.04 -20.93
N ASP A 156 0.19 15.75 -21.33
CA ASP A 156 -1.00 15.90 -20.52
C ASP A 156 -1.76 14.57 -20.50
N LYS A 157 -1.98 14.03 -19.30
CA LYS A 157 -2.60 12.71 -19.18
C LYS A 157 -3.99 12.67 -19.81
N ASN A 158 -4.73 13.78 -19.80
CA ASN A 158 -6.10 13.77 -20.31
C ASN A 158 -6.21 14.09 -21.81
N THR A 159 -5.53 15.13 -22.27
CA THR A 159 -5.63 15.52 -23.68
C THR A 159 -4.57 14.87 -24.57
N LEU A 160 -3.55 14.25 -23.99
CA LEU A 160 -2.46 13.56 -24.68
C LEU A 160 -1.56 14.50 -25.47
N GLU A 161 -1.75 15.82 -25.35
CA GLU A 161 -0.87 16.77 -26.00
C GLU A 161 0.44 16.93 -25.25
N CYS A 162 1.47 17.35 -25.99
CA CYS A 162 2.78 17.61 -25.41
C CYS A 162 2.83 19.00 -24.82
N LYS A 163 3.14 19.08 -23.52
CA LYS A 163 3.13 20.37 -22.85
C LYS A 163 4.50 20.99 -22.67
N ARG A 164 5.56 20.18 -22.73
CA ARG A 164 6.90 20.71 -22.52
C ARG A 164 7.90 19.71 -23.09
N ILE A 165 8.92 20.23 -23.76
CA ILE A 165 10.09 19.46 -24.17
C ILE A 165 11.27 20.03 -23.40
N LEU A 166 11.98 19.15 -22.69
CA LEU A 166 13.17 19.55 -21.95
C LEU A 166 14.42 19.08 -22.66
N THR A 167 15.31 20.02 -22.95
CA THR A 167 16.54 19.77 -23.69
C THR A 167 17.73 20.08 -22.81
N GLY A 168 18.84 19.39 -23.07
CA GLY A 168 20.05 19.60 -22.30
C GLY A 168 20.97 18.39 -22.30
N HIS A 169 20.38 17.20 -22.16
CA HIS A 169 21.15 15.99 -22.37
C HIS A 169 21.69 15.97 -23.80
N THR A 170 22.87 15.39 -23.96
CA THR A 170 23.48 15.22 -25.29
C THR A 170 23.45 13.78 -25.76
N GLY A 171 22.80 12.87 -25.00
CA GLY A 171 22.48 11.56 -25.50
C GLY A 171 21.10 11.14 -25.02
N SER A 172 20.74 9.90 -25.34
CA SER A 172 19.40 9.40 -25.06
C SER A 172 19.08 9.51 -23.56
N VAL A 173 17.81 9.76 -23.26
CA VAL A 173 17.34 9.80 -21.88
C VAL A 173 16.89 8.39 -21.54
N LEU A 174 17.74 7.67 -20.80
CA LEU A 174 17.56 6.25 -20.56
C LEU A 174 16.70 5.94 -19.34
N CYS A 175 16.74 6.79 -18.32
CA CYS A 175 16.02 6.53 -17.07
C CYS A 175 15.55 7.85 -16.49
N LEU A 176 14.47 7.80 -15.73
CA LEU A 176 13.96 9.00 -15.08
C LEU A 176 13.05 8.61 -13.91
N GLN A 177 12.95 9.55 -12.97
CA GLN A 177 11.98 9.49 -11.88
C GLN A 177 11.69 10.92 -11.48
N TYR A 178 10.48 11.16 -11.01
CA TYR A 178 10.14 12.48 -10.50
C TYR A 178 9.30 12.36 -9.23
N ASP A 179 9.29 13.44 -8.47
CA ASP A 179 8.44 13.56 -7.29
C ASP A 179 7.70 14.88 -7.41
N GLU A 180 7.20 15.39 -6.28
CA GLU A 180 6.44 16.64 -6.30
C GLU A 180 7.29 17.87 -6.63
N ARG A 181 8.61 17.80 -6.55
CA ARG A 181 9.44 18.97 -6.85
C ARG A 181 10.31 18.86 -8.10
N VAL A 182 10.95 17.70 -8.36
CA VAL A 182 11.98 17.63 -9.39
C VAL A 182 11.80 16.38 -10.25
N ILE A 183 12.28 16.48 -11.50
CA ILE A 183 12.55 15.34 -12.36
C ILE A 183 14.05 15.10 -12.35
N ILE A 184 14.45 13.83 -12.18
CA ILE A 184 15.85 13.44 -12.28
C ILE A 184 16.00 12.41 -13.40
N THR A 185 16.96 12.64 -14.29
CA THR A 185 17.15 11.86 -15.51
C THR A 185 18.58 11.36 -15.61
N GLY A 186 18.75 10.16 -16.15
CA GLY A 186 20.06 9.65 -16.51
C GLY A 186 20.12 9.33 -17.99
N SER A 187 21.32 9.44 -18.57
CA SER A 187 21.46 9.56 -20.01
C SER A 187 22.65 8.77 -20.51
N SER A 188 22.57 8.37 -21.78
CA SER A 188 23.72 7.89 -22.52
C SER A 188 24.90 8.85 -22.49
N ASP A 189 24.70 10.14 -22.18
CA ASP A 189 25.83 11.06 -22.11
C ASP A 189 26.61 10.97 -20.80
N SER A 190 26.24 10.03 -19.93
CA SER A 190 26.93 9.65 -18.68
C SER A 190 26.64 10.61 -17.54
N THR A 191 25.74 11.56 -17.70
CA THR A 191 25.38 12.51 -16.65
C THR A 191 24.01 12.20 -16.07
N VAL A 192 23.81 12.68 -14.85
CA VAL A 192 22.51 12.74 -14.21
C VAL A 192 22.11 14.21 -14.15
N ARG A 193 20.87 14.51 -14.53
CA ARG A 193 20.37 15.88 -14.50
C ARG A 193 19.10 15.99 -13.68
N VAL A 194 18.93 17.15 -13.07
CA VAL A 194 17.84 17.46 -12.15
C VAL A 194 17.08 18.63 -12.74
N TRP A 195 15.77 18.44 -12.93
CA TRP A 195 14.91 19.43 -13.57
C TRP A 195 13.78 19.80 -12.62
N ASP A 196 13.37 21.06 -12.66
CA ASP A 196 12.19 21.51 -11.93
C ASP A 196 10.94 20.88 -12.56
N VAL A 197 10.18 20.14 -11.75
CA VAL A 197 9.05 19.39 -12.31
C VAL A 197 7.96 20.33 -12.80
N ASN A 198 7.89 21.54 -12.23
CA ASN A 198 6.86 22.50 -12.64
C ASN A 198 7.30 23.31 -13.86
N THR A 199 8.52 23.85 -13.84
CA THR A 199 8.95 24.75 -14.91
C THR A 199 9.83 24.10 -15.96
N GLY A 200 10.39 22.92 -15.68
CA GLY A 200 11.30 22.26 -16.59
C GLY A 200 12.72 22.77 -16.56
N GLU A 201 12.99 23.83 -15.82
CA GLU A 201 14.33 24.39 -15.71
C GLU A 201 15.33 23.37 -15.18
N MET A 202 16.47 23.27 -15.86
CA MET A 202 17.58 22.44 -15.39
C MET A 202 18.19 23.05 -14.13
N LEU A 203 18.23 22.28 -13.04
CA LEU A 203 18.68 22.78 -11.75
C LEU A 203 20.06 22.28 -11.37
N ASN A 204 20.47 21.10 -11.84
CA ASN A 204 21.75 20.54 -11.47
C ASN A 204 22.12 19.45 -12.47
N THR A 205 23.43 19.21 -12.59
CA THR A 205 23.98 18.15 -13.41
C THR A 205 25.07 17.46 -12.62
N LEU A 206 25.00 16.13 -12.52
CA LEU A 206 26.02 15.36 -11.82
C LEU A 206 26.95 14.69 -12.82
N ILE A 207 28.21 15.11 -12.80
CA ILE A 207 29.28 14.50 -13.60
C ILE A 207 30.01 13.55 -12.68
N HIS A 208 29.98 12.27 -13.01
CA HIS A 208 30.59 11.24 -12.18
C HIS A 208 30.79 9.94 -12.92
N HIS A 209 29.72 9.39 -13.49
CA HIS A 209 29.85 8.12 -14.18
C HIS A 209 30.68 8.27 -15.45
N CYS A 210 31.36 7.18 -15.80
CA CYS A 210 32.25 7.10 -16.95
C CYS A 210 31.55 6.63 -18.20
N GLU A 211 30.31 6.15 -18.07
CA GLU A 211 29.56 5.52 -19.15
C GLU A 211 28.09 5.81 -18.90
N ALA A 212 27.26 5.45 -19.88
CA ALA A 212 25.82 5.68 -19.82
C ALA A 212 25.25 5.41 -18.43
N VAL A 213 24.38 6.31 -17.98
CA VAL A 213 23.63 6.12 -16.75
C VAL A 213 22.36 5.36 -17.11
N LEU A 214 22.30 4.09 -16.71
CA LEU A 214 21.25 3.21 -17.18
C LEU A 214 20.01 3.22 -16.31
N HIS A 215 20.15 3.49 -15.01
CA HIS A 215 19.00 3.53 -14.12
C HIS A 215 19.31 4.43 -12.93
N LEU A 216 18.24 4.89 -12.28
CA LEU A 216 18.35 5.63 -11.04
C LEU A 216 17.03 5.53 -10.28
N ARG A 217 17.12 5.64 -8.96
CA ARG A 217 15.97 5.83 -8.08
C ARG A 217 16.34 6.80 -6.98
N PHE A 218 15.34 7.53 -6.49
CA PHE A 218 15.56 8.41 -5.34
C PHE A 218 14.30 8.44 -4.49
N ASN A 219 14.49 8.81 -3.23
CA ASN A 219 13.43 8.85 -2.24
C ASN A 219 13.98 9.41 -0.94
N ASN A 220 13.22 10.29 -0.29
CA ASN A 220 13.50 10.74 1.08
C ASN A 220 14.95 11.20 1.23
N GLY A 221 15.37 12.10 0.34
CA GLY A 221 16.66 12.74 0.45
C GLY A 221 17.86 11.95 -0.04
N MET A 222 17.68 10.73 -0.56
CA MET A 222 18.80 10.01 -1.12
C MET A 222 18.46 9.45 -2.50
N MET A 223 19.52 9.21 -3.29
CA MET A 223 19.41 8.68 -4.64
C MET A 223 20.48 7.63 -4.87
N VAL A 224 20.14 6.60 -5.64
CA VAL A 224 21.11 5.65 -6.16
C VAL A 224 21.08 5.72 -7.68
N THR A 225 22.27 5.76 -8.29
CA THR A 225 22.43 5.73 -9.73
C THR A 225 23.33 4.57 -10.12
N CYS A 226 23.15 4.06 -11.35
CA CYS A 226 23.98 2.97 -11.81
C CYS A 226 24.22 3.14 -13.30
N SER A 227 25.27 2.48 -13.78
CA SER A 227 25.87 2.87 -15.05
C SER A 227 26.40 1.67 -15.79
N LYS A 228 26.46 1.80 -17.12
CA LYS A 228 27.25 0.92 -17.96
C LYS A 228 28.70 0.81 -17.49
N ASP A 229 29.20 1.77 -16.71
CA ASP A 229 30.58 1.70 -16.23
C ASP A 229 30.76 0.67 -15.12
N ARG A 230 29.73 -0.09 -14.76
CA ARG A 230 29.77 -1.26 -13.88
C ARG A 230 29.72 -0.87 -12.41
N SER A 231 29.50 0.41 -12.09
CA SER A 231 29.48 0.89 -10.72
C SER A 231 28.08 1.35 -10.33
N ILE A 232 27.86 1.46 -9.01
CA ILE A 232 26.69 2.10 -8.44
C ILE A 232 27.16 3.30 -7.61
N ALA A 233 26.47 4.42 -7.76
CA ALA A 233 26.72 5.59 -6.93
C ALA A 233 25.55 5.86 -6.00
N VAL A 234 25.87 6.17 -4.75
CA VAL A 234 24.89 6.45 -3.71
C VAL A 234 25.01 7.92 -3.34
N TRP A 235 23.91 8.67 -3.45
CA TRP A 235 23.94 10.12 -3.30
C TRP A 235 23.07 10.58 -2.14
N ASP A 236 23.50 11.64 -1.48
CA ASP A 236 22.69 12.38 -0.51
C ASP A 236 22.27 13.71 -1.11
N MET A 237 20.96 13.95 -1.15
CA MET A 237 20.39 15.14 -1.77
C MET A 237 19.81 16.00 -0.66
N ALA A 238 20.58 16.98 -0.19
CA ALA A 238 20.05 17.96 0.75
C ALA A 238 19.07 18.91 0.07
N SER A 239 19.15 19.04 -1.25
CA SER A 239 18.32 19.93 -2.04
C SER A 239 18.62 19.68 -3.51
N PRO A 240 17.77 20.16 -4.43
CA PRO A 240 18.05 19.97 -5.86
C PRO A 240 19.45 20.43 -6.27
N THR A 241 20.02 21.42 -5.57
CA THR A 241 21.29 22.01 -5.94
C THR A 241 22.43 21.59 -5.01
N ASP A 242 22.15 20.78 -3.99
CA ASP A 242 23.16 20.33 -3.02
C ASP A 242 23.10 18.80 -2.93
N ILE A 243 23.82 18.13 -3.83
CA ILE A 243 23.81 16.67 -3.93
C ILE A 243 25.25 16.19 -3.80
N THR A 244 25.50 15.36 -2.80
CA THR A 244 26.84 14.88 -2.49
C THR A 244 26.95 13.38 -2.69
N LEU A 245 28.07 12.95 -3.26
CA LEU A 245 28.40 11.53 -3.34
C LEU A 245 28.70 10.99 -1.96
N ARG A 246 27.95 9.97 -1.54
CA ARG A 246 28.25 9.29 -0.27
C ARG A 246 29.19 8.11 -0.44
N ARG A 247 28.93 7.23 -1.41
CA ARG A 247 29.71 6.00 -1.57
C ARG A 247 29.61 5.53 -3.02
N VAL A 248 30.64 4.84 -3.48
CA VAL A 248 30.60 4.09 -4.73
C VAL A 248 30.63 2.60 -4.42
N LEU A 249 29.63 1.86 -4.90
CA LEU A 249 29.58 0.42 -4.74
C LEU A 249 30.11 -0.21 -6.02
N VAL A 250 31.13 -1.04 -5.91
CA VAL A 250 31.67 -1.72 -7.08
C VAL A 250 31.68 -3.21 -6.77
N GLY A 251 31.62 -4.03 -7.81
CA GLY A 251 31.57 -5.47 -7.57
C GLY A 251 30.91 -6.20 -8.70
N HIS A 252 30.06 -5.49 -9.42
CA HIS A 252 29.48 -6.05 -10.62
C HIS A 252 30.55 -6.12 -11.70
N ARG A 253 30.46 -7.16 -12.54
CA ARG A 253 31.48 -7.41 -13.55
C ARG A 253 31.02 -6.99 -14.93
N ALA A 254 29.86 -6.35 -15.04
CA ALA A 254 29.35 -5.82 -16.28
C ALA A 254 28.45 -4.64 -15.94
N ALA A 255 27.92 -3.99 -16.97
CA ALA A 255 26.98 -2.90 -16.77
C ALA A 255 25.92 -3.28 -15.73
N VAL A 256 25.59 -2.33 -14.86
CA VAL A 256 24.49 -2.50 -13.92
C VAL A 256 23.30 -1.80 -14.56
N ASN A 257 22.31 -2.61 -14.96
CA ASN A 257 21.17 -2.17 -15.74
C ASN A 257 20.05 -1.56 -14.91
N VAL A 258 19.96 -1.87 -13.62
CA VAL A 258 18.85 -1.42 -12.80
C VAL A 258 19.28 -1.35 -11.35
N VAL A 259 18.65 -0.45 -10.60
CA VAL A 259 18.84 -0.32 -9.17
C VAL A 259 17.51 0.09 -8.58
N ASP A 260 17.19 -0.50 -7.42
CA ASP A 260 16.03 -0.10 -6.64
C ASP A 260 16.47 -0.13 -5.19
N PHE A 261 15.71 0.51 -4.31
CA PHE A 261 16.09 0.50 -2.91
C PHE A 261 14.92 0.87 -2.02
N ASP A 262 15.07 0.56 -0.74
CA ASP A 262 14.25 1.11 0.33
C ASP A 262 15.18 1.35 1.52
N ASP A 263 14.60 1.51 2.71
CA ASP A 263 15.39 1.77 3.90
C ASP A 263 16.21 0.57 4.33
N LYS A 264 15.81 -0.64 3.95
CA LYS A 264 16.58 -1.83 4.32
C LYS A 264 17.74 -2.06 3.37
N TYR A 265 17.48 -2.11 2.06
CA TYR A 265 18.45 -2.62 1.11
C TYR A 265 18.47 -1.77 -0.15
N ILE A 266 19.64 -1.73 -0.79
CA ILE A 266 19.80 -1.36 -2.19
C ILE A 266 19.91 -2.63 -3.01
N VAL A 267 19.21 -2.67 -4.14
CA VAL A 267 19.18 -3.87 -4.99
C VAL A 267 19.58 -3.47 -6.40
N SER A 268 20.63 -4.13 -6.92
CA SER A 268 21.20 -3.84 -8.23
C SER A 268 21.22 -5.12 -9.04
N ALA A 269 21.09 -4.97 -10.36
CA ALA A 269 21.17 -6.12 -11.25
C ALA A 269 21.89 -5.74 -12.53
N SER A 270 22.47 -6.73 -13.18
CA SER A 270 23.59 -6.48 -14.07
C SER A 270 23.58 -7.46 -15.23
N GLY A 271 24.21 -7.04 -16.33
CA GLY A 271 24.58 -7.92 -17.42
C GLY A 271 25.43 -9.11 -16.99
N ASP A 272 26.05 -9.01 -15.81
CA ASP A 272 26.87 -10.08 -15.30
C ASP A 272 26.05 -11.21 -14.70
N ARG A 273 24.73 -11.25 -14.95
CA ARG A 273 23.83 -12.33 -14.56
C ARG A 273 23.50 -12.30 -13.07
N THR A 274 23.81 -11.24 -12.34
CA THR A 274 23.60 -11.26 -10.91
C THR A 274 22.70 -10.13 -10.44
N ILE A 275 22.07 -10.39 -9.30
CA ILE A 275 21.43 -9.36 -8.49
C ILE A 275 22.30 -9.22 -7.25
N LYS A 276 22.60 -7.98 -6.86
CA LYS A 276 23.33 -7.77 -5.62
C LYS A 276 22.53 -6.94 -4.64
N VAL A 277 22.69 -7.27 -3.36
CA VAL A 277 21.93 -6.69 -2.27
C VAL A 277 22.91 -5.95 -1.37
N TRP A 278 22.59 -4.70 -1.05
CA TRP A 278 23.48 -3.86 -0.26
C TRP A 278 22.70 -3.23 0.87
N ASN A 279 23.39 -2.95 1.97
CA ASN A 279 22.76 -2.36 3.15
C ASN A 279 22.66 -0.85 2.92
N THR A 280 21.43 -0.32 2.97
CA THR A 280 21.25 1.08 2.61
C THR A 280 22.00 2.01 3.55
N SER A 281 21.94 1.74 4.86
CA SER A 281 22.58 2.60 5.84
C SER A 281 24.09 2.61 5.68
N THR A 282 24.69 1.42 5.51
CA THR A 282 26.15 1.30 5.53
C THR A 282 26.78 1.17 4.16
N CYS A 283 26.00 0.88 3.12
CA CYS A 283 26.49 0.63 1.76
C CYS A 283 27.40 -0.61 1.66
N GLU A 284 27.37 -1.46 2.68
CA GLU A 284 28.12 -2.72 2.66
C GLU A 284 27.37 -3.76 1.85
N PHE A 285 28.13 -4.52 1.05
CA PHE A 285 27.56 -5.66 0.35
C PHE A 285 26.95 -6.63 1.33
N VAL A 286 25.79 -7.18 0.97
CA VAL A 286 25.08 -8.14 1.82
C VAL A 286 25.06 -9.52 1.18
N ARG A 287 24.56 -9.63 -0.04
CA ARG A 287 24.46 -10.94 -0.68
C ARG A 287 24.16 -10.75 -2.15
N THR A 288 24.49 -11.78 -2.93
CA THR A 288 24.17 -11.85 -4.35
C THR A 288 22.99 -12.82 -4.52
N LEU A 289 21.96 -12.41 -5.25
CA LEU A 289 20.92 -13.36 -5.62
C LEU A 289 21.32 -13.83 -7.01
N ASN A 290 21.72 -15.09 -7.09
CA ASN A 290 22.11 -15.76 -8.30
C ASN A 290 20.99 -16.66 -8.86
N GLY A 291 21.08 -16.96 -10.16
CA GLY A 291 20.11 -17.91 -10.70
C GLY A 291 19.67 -17.72 -12.14
N HIS A 292 19.45 -16.49 -12.57
CA HIS A 292 19.22 -16.23 -14.00
C HIS A 292 20.41 -16.72 -14.80
N LYS A 293 20.12 -17.23 -16.00
CA LYS A 293 21.16 -17.82 -16.85
C LYS A 293 21.76 -16.84 -17.83
N ARG A 294 21.21 -15.62 -17.91
CA ARG A 294 21.78 -14.56 -18.73
C ARG A 294 21.58 -13.25 -17.96
N GLY A 295 21.94 -12.14 -18.59
CA GLY A 295 21.89 -10.86 -17.90
C GLY A 295 20.49 -10.47 -17.51
N ILE A 296 20.41 -9.62 -16.47
CA ILE A 296 19.13 -9.12 -15.98
C ILE A 296 18.92 -7.72 -16.55
N ALA A 297 17.76 -7.52 -17.18
CA ALA A 297 17.43 -6.27 -17.85
C ALA A 297 16.55 -5.35 -17.01
N CYS A 298 15.83 -5.89 -16.03
CA CYS A 298 14.84 -5.08 -15.33
C CYS A 298 14.53 -5.71 -13.99
N LEU A 299 13.97 -4.90 -13.10
CA LEU A 299 13.80 -5.32 -11.72
C LEU A 299 12.92 -4.31 -10.99
N GLN A 300 12.25 -4.79 -9.96
CA GLN A 300 11.49 -4.00 -9.01
C GLN A 300 11.61 -4.65 -7.66
N TYR A 301 11.80 -3.86 -6.61
CA TYR A 301 11.96 -4.38 -5.27
C TYR A 301 11.09 -3.58 -4.30
N ARG A 302 10.30 -4.29 -3.49
CA ARG A 302 9.50 -3.68 -2.43
C ARG A 302 9.32 -4.74 -1.35
N ASP A 303 9.37 -4.30 -0.08
CA ASP A 303 9.18 -5.16 1.08
C ASP A 303 10.22 -6.28 1.12
N ARG A 304 9.79 -7.53 0.94
CA ARG A 304 10.74 -8.63 0.80
C ARG A 304 10.85 -9.18 -0.60
N LEU A 305 10.09 -8.67 -1.57
CA LEU A 305 9.99 -9.30 -2.88
C LEU A 305 10.85 -8.55 -3.90
N VAL A 306 11.72 -9.29 -4.59
CA VAL A 306 12.37 -8.81 -5.80
C VAL A 306 11.84 -9.65 -6.97
N VAL A 307 11.46 -8.99 -8.06
CA VAL A 307 11.09 -9.65 -9.31
C VAL A 307 11.98 -9.09 -10.40
N SER A 308 12.64 -9.97 -11.15
CA SER A 308 13.60 -9.58 -12.17
C SER A 308 13.26 -10.23 -13.50
N GLY A 309 13.62 -9.54 -14.57
CA GLY A 309 13.43 -10.04 -15.92
C GLY A 309 14.76 -10.05 -16.64
N SER A 310 14.96 -11.07 -17.48
CA SER A 310 16.28 -11.42 -17.96
C SER A 310 16.26 -11.66 -19.46
N SER A 311 17.45 -11.50 -20.06
CA SER A 311 17.71 -12.00 -21.41
C SER A 311 17.45 -13.50 -21.56
N ASP A 312 17.34 -14.25 -20.47
CA ASP A 312 17.04 -15.67 -20.60
C ASP A 312 15.57 -15.93 -20.87
N ASN A 313 14.78 -14.88 -21.05
CA ASN A 313 13.35 -14.87 -21.37
C ASN A 313 12.47 -15.20 -20.17
N THR A 314 13.03 -15.37 -18.97
CA THR A 314 12.23 -15.70 -17.81
C THR A 314 12.15 -14.52 -16.84
N ILE A 315 11.18 -14.61 -15.93
CA ILE A 315 11.06 -13.73 -14.79
C ILE A 315 11.30 -14.56 -13.54
N ARG A 316 12.04 -14.01 -12.58
CA ARG A 316 12.24 -14.69 -11.30
C ARG A 316 11.79 -13.80 -10.15
N LEU A 317 11.16 -14.45 -9.16
CA LEU A 317 10.72 -13.84 -7.92
C LEU A 317 11.65 -14.30 -6.79
N TRP A 318 12.01 -13.37 -5.91
CA TRP A 318 13.03 -13.66 -4.91
C TRP A 318 12.62 -13.07 -3.57
N ASP A 319 12.96 -13.78 -2.49
CA ASP A 319 12.91 -13.22 -1.16
C ASP A 319 14.24 -12.57 -0.83
N ILE A 320 14.19 -11.30 -0.41
CA ILE A 320 15.41 -10.54 -0.20
C ILE A 320 16.22 -11.04 0.99
N GLU A 321 15.55 -11.57 2.04
CA GLU A 321 16.27 -11.90 3.27
C GLU A 321 17.11 -13.17 3.12
N CYS A 322 16.53 -14.24 2.54
CA CYS A 322 17.28 -15.48 2.36
C CYS A 322 17.82 -15.67 0.95
N GLY A 323 17.50 -14.79 0.01
CA GLY A 323 17.98 -14.92 -1.34
C GLY A 323 17.34 -16.01 -2.18
N ALA A 324 16.38 -16.73 -1.63
CA ALA A 324 15.75 -17.82 -2.35
C ALA A 324 14.96 -17.29 -3.55
N CYS A 325 15.01 -18.03 -4.65
CA CYS A 325 14.10 -17.80 -5.78
C CYS A 325 12.80 -18.54 -5.50
N LEU A 326 11.70 -17.81 -5.44
CA LEU A 326 10.41 -18.37 -5.06
C LEU A 326 9.61 -18.93 -6.23
N ARG A 327 9.94 -18.52 -7.46
CA ARG A 327 9.17 -18.86 -8.64
C ARG A 327 9.91 -18.38 -9.87
N VAL A 328 9.94 -19.23 -10.90
CA VAL A 328 10.40 -18.86 -12.23
C VAL A 328 9.17 -18.74 -13.12
N LEU A 329 9.04 -17.60 -13.79
CA LEU A 329 7.92 -17.35 -14.70
C LEU A 329 8.40 -17.49 -16.13
N GLU A 330 7.88 -18.49 -16.84
CA GLU A 330 8.18 -18.71 -18.24
C GLU A 330 6.98 -18.34 -19.10
N GLY A 331 7.27 -17.92 -20.33
CA GLY A 331 6.22 -17.59 -21.27
C GLY A 331 6.60 -16.53 -22.28
N HIS A 332 7.33 -15.50 -21.85
CA HIS A 332 7.85 -14.54 -22.81
C HIS A 332 8.74 -15.24 -23.82
N GLU A 333 8.65 -14.82 -25.08
CA GLU A 333 9.44 -15.40 -26.15
C GLU A 333 10.68 -14.58 -26.48
N GLU A 334 10.88 -13.45 -25.81
CA GLU A 334 12.07 -12.64 -26.02
C GLU A 334 12.49 -12.02 -24.69
N LEU A 335 13.58 -11.27 -24.74
CA LEU A 335 14.15 -10.63 -23.55
C LEU A 335 13.09 -9.84 -22.79
N VAL A 336 13.03 -10.07 -21.48
CA VAL A 336 12.12 -9.32 -20.62
C VAL A 336 12.80 -8.00 -20.26
N ARG A 337 12.23 -6.90 -20.75
CA ARG A 337 12.93 -5.62 -20.80
C ARG A 337 12.44 -4.63 -19.74
N CYS A 338 11.19 -4.75 -19.29
CA CYS A 338 10.70 -3.97 -18.17
C CYS A 338 9.74 -4.80 -17.36
N ILE A 339 9.62 -4.47 -16.07
CA ILE A 339 8.78 -5.25 -15.16
C ILE A 339 8.39 -4.35 -13.99
N ARG A 340 7.14 -4.47 -13.58
CA ARG A 340 6.58 -3.79 -12.45
C ARG A 340 5.61 -4.69 -11.76
N PHE A 341 5.28 -4.39 -10.53
CA PHE A 341 4.31 -5.17 -9.79
C PHE A 341 3.69 -4.43 -8.66
N ASP A 342 2.44 -4.76 -8.36
CA ASP A 342 1.70 -4.20 -7.25
C ASP A 342 1.26 -5.31 -6.36
N ASN A 343 0.21 -5.08 -5.59
CA ASN A 343 -0.31 -6.10 -4.70
C ASN A 343 -0.88 -7.32 -5.38
N LYS A 344 -1.50 -7.15 -6.52
CA LYS A 344 -2.08 -8.29 -7.21
C LYS A 344 -1.48 -8.80 -8.49
N ARG A 345 -0.69 -8.02 -9.19
CA ARG A 345 -0.26 -8.44 -10.52
C ARG A 345 1.21 -8.15 -10.74
N ILE A 346 1.81 -8.92 -11.64
CA ILE A 346 3.05 -8.56 -12.32
C ILE A 346 2.72 -8.18 -13.76
N VAL A 347 3.32 -7.10 -14.24
CA VAL A 347 3.23 -6.68 -15.64
C VAL A 347 4.63 -6.55 -16.22
N SER A 348 4.84 -7.19 -17.36
CA SER A 348 6.15 -7.30 -17.98
C SER A 348 6.06 -6.96 -19.46
N GLY A 349 7.13 -6.38 -19.99
CA GLY A 349 7.23 -6.10 -21.40
C GLY A 349 8.48 -6.72 -21.99
N ALA A 350 8.40 -7.09 -23.26
CA ALA A 350 9.42 -7.91 -23.89
C ALA A 350 9.93 -7.25 -25.17
N TYR A 351 11.01 -7.82 -25.70
CA TYR A 351 11.59 -7.31 -26.94
C TYR A 351 10.72 -7.53 -28.16
N ASP A 352 9.75 -8.44 -28.10
CA ASP A 352 8.85 -8.66 -29.23
C ASP A 352 7.62 -7.76 -29.20
N GLY A 353 7.62 -6.73 -28.36
CA GLY A 353 6.50 -5.82 -28.28
C GLY A 353 5.35 -6.27 -27.42
N LYS A 354 5.40 -7.48 -26.86
CA LYS A 354 4.27 -8.00 -26.11
C LYS A 354 4.39 -7.70 -24.63
N ILE A 355 3.24 -7.49 -24.00
CA ILE A 355 3.12 -7.28 -22.57
C ILE A 355 2.34 -8.43 -21.98
N LYS A 356 2.80 -8.95 -20.85
CA LYS A 356 2.11 -10.03 -20.16
C LYS A 356 1.70 -9.60 -18.76
N VAL A 357 0.53 -10.07 -18.34
CA VAL A 357 -0.01 -9.86 -17.00
C VAL A 357 0.05 -11.18 -16.27
N TRP A 358 0.65 -11.17 -15.08
CA TRP A 358 0.83 -12.37 -14.27
C TRP A 358 0.10 -12.23 -12.95
N ASP A 359 -0.41 -13.36 -12.46
CA ASP A 359 -1.11 -13.43 -11.19
C ASP A 359 -0.08 -13.57 -10.08
N LEU A 360 0.17 -12.49 -9.35
CA LEU A 360 1.29 -12.47 -8.41
C LEU A 360 1.00 -13.35 -7.20
N VAL A 361 -0.23 -13.31 -6.68
CA VAL A 361 -0.60 -14.18 -5.57
C VAL A 361 -0.40 -15.64 -5.95
N ALA A 362 -0.99 -16.06 -7.07
CA ALA A 362 -0.77 -17.41 -7.59
C ALA A 362 0.72 -17.72 -7.72
N ALA A 363 1.50 -16.77 -8.24
CA ALA A 363 2.91 -17.05 -8.49
C ALA A 363 3.67 -17.30 -7.19
N LEU A 364 3.27 -16.63 -6.10
CA LEU A 364 3.94 -16.80 -4.83
C LEU A 364 3.42 -18.00 -4.04
N ASP A 365 2.40 -18.68 -4.56
CA ASP A 365 1.90 -19.90 -3.95
C ASP A 365 2.47 -21.09 -4.71
N PRO A 366 3.40 -21.85 -4.13
CA PRO A 366 4.05 -22.93 -4.88
C PRO A 366 3.12 -24.08 -5.28
N ARG A 367 1.86 -24.08 -4.84
CA ARG A 367 0.92 -25.09 -5.31
C ARG A 367 0.39 -24.78 -6.71
N ALA A 368 0.36 -23.51 -7.09
CA ALA A 368 -0.28 -23.12 -8.35
C ALA A 368 0.55 -23.63 -9.53
N PRO A 369 -0.08 -24.18 -10.56
CA PRO A 369 0.68 -24.63 -11.73
C PRO A 369 1.14 -23.44 -12.57
N ALA A 370 2.22 -23.68 -13.33
CA ALA A 370 2.84 -22.59 -14.08
C ALA A 370 1.92 -22.06 -15.18
N GLY A 371 1.23 -22.95 -15.90
CA GLY A 371 0.37 -22.54 -16.99
C GLY A 371 -0.77 -21.62 -16.59
N THR A 372 -1.16 -21.62 -15.31
CA THR A 372 -2.19 -20.72 -14.82
C THR A 372 -1.67 -19.34 -14.42
N LEU A 373 -0.38 -19.07 -14.61
CA LEU A 373 0.20 -17.89 -13.98
C LEU A 373 0.10 -16.66 -14.86
N CYS A 374 0.18 -16.83 -16.18
CA CYS A 374 0.09 -15.71 -17.11
C CYS A 374 -1.39 -15.49 -17.39
N LEU A 375 -1.94 -14.40 -16.91
CA LEU A 375 -3.32 -14.09 -17.20
C LEU A 375 -3.62 -13.67 -18.61
N ARG A 376 -2.78 -12.81 -19.17
CA ARG A 376 -2.98 -12.29 -20.51
C ARG A 376 -1.74 -11.87 -21.18
N THR A 377 -1.84 -11.78 -22.48
CA THR A 377 -0.77 -11.31 -23.29
C THR A 377 -1.43 -10.20 -24.04
N LEU A 378 -0.81 -9.06 -24.06
CA LEU A 378 -1.34 -7.86 -24.68
C LEU A 378 -0.38 -7.43 -25.77
N VAL A 379 -0.89 -7.31 -27.00
CA VAL A 379 -0.05 -7.13 -28.20
C VAL A 379 -0.55 -5.88 -28.91
N GLU A 380 0.07 -4.74 -28.61
CA GLU A 380 -0.24 -3.50 -29.32
C GLU A 380 0.99 -2.68 -29.69
N HIS A 381 2.17 -3.01 -29.20
CA HIS A 381 3.40 -2.34 -29.62
C HIS A 381 3.99 -3.03 -30.85
N SER A 382 4.67 -2.25 -31.68
CA SER A 382 5.36 -2.79 -32.85
C SER A 382 6.87 -2.76 -32.69
N GLY A 383 7.38 -2.56 -31.48
CA GLY A 383 8.79 -2.61 -31.21
C GLY A 383 9.02 -3.00 -29.76
N ARG A 384 10.29 -3.09 -29.39
CA ARG A 384 10.67 -3.45 -28.03
C ARG A 384 9.97 -2.57 -27.01
N VAL A 385 9.44 -3.19 -25.95
CA VAL A 385 8.84 -2.44 -24.86
C VAL A 385 9.94 -2.09 -23.87
N PHE A 386 10.17 -0.79 -23.66
CA PHE A 386 11.28 -0.34 -22.82
C PHE A 386 10.88 -0.07 -21.38
N ARG A 387 9.65 0.37 -21.13
CA ARG A 387 9.26 0.79 -19.80
C ARG A 387 7.74 0.74 -19.69
N LEU A 388 7.26 0.41 -18.49
CA LEU A 388 5.84 0.51 -18.21
C LEU A 388 5.64 0.85 -16.75
N GLN A 389 4.45 1.32 -16.43
CA GLN A 389 4.07 1.62 -15.08
C GLN A 389 2.58 1.36 -15.03
N PHE A 390 2.07 0.81 -13.94
CA PHE A 390 0.64 0.54 -13.87
C PHE A 390 0.04 0.67 -12.49
N ASP A 391 -1.28 0.55 -12.43
CA ASP A 391 -1.99 0.60 -11.16
C ASP A 391 -3.24 -0.28 -11.30
N GLU A 392 -4.20 -0.11 -10.40
CA GLU A 392 -5.41 -0.93 -10.43
C GLU A 392 -6.18 -0.75 -11.72
N PHE A 393 -6.08 0.42 -12.36
CA PHE A 393 -6.97 0.76 -13.46
C PHE A 393 -6.30 0.74 -14.84
N GLN A 394 -4.99 0.88 -14.93
CA GLN A 394 -4.42 1.09 -16.26
C GLN A 394 -2.96 0.71 -16.30
N ILE A 395 -2.45 0.55 -17.52
CA ILE A 395 -1.02 0.43 -17.80
C ILE A 395 -0.62 1.57 -18.72
N VAL A 396 0.53 2.17 -18.47
CA VAL A 396 1.17 3.08 -19.42
C VAL A 396 2.50 2.46 -19.83
N SER A 397 2.69 2.29 -21.13
CA SER A 397 3.86 1.61 -21.65
C SER A 397 4.47 2.43 -22.80
N SER A 398 5.77 2.25 -23.01
CA SER A 398 6.47 2.95 -24.08
C SER A 398 7.46 2.01 -24.72
N SER A 399 7.83 2.34 -25.96
CA SER A 399 8.42 1.35 -26.84
C SER A 399 9.43 1.99 -27.79
N HIS A 400 10.30 1.15 -28.33
CA HIS A 400 11.16 1.53 -29.43
C HIS A 400 10.37 2.01 -30.64
N ASP A 401 9.12 1.60 -30.79
CA ASP A 401 8.27 2.04 -31.89
C ASP A 401 7.85 3.51 -31.78
N ASP A 402 8.33 4.23 -30.77
CA ASP A 402 8.12 5.68 -30.62
C ASP A 402 6.69 6.00 -30.22
N THR A 403 6.01 5.08 -29.53
CA THR A 403 4.67 5.35 -29.02
C THR A 403 4.62 5.16 -27.51
N ILE A 404 3.68 5.86 -26.89
CA ILE A 404 3.25 5.61 -25.52
C ILE A 404 1.80 5.14 -25.58
N LEU A 405 1.52 4.01 -24.94
CA LEU A 405 0.17 3.48 -24.88
C LEU A 405 -0.39 3.61 -23.47
N ILE A 406 -1.65 3.99 -23.37
CA ILE A 406 -2.42 3.93 -22.14
C ILE A 406 -3.47 2.84 -22.30
N TRP A 407 -3.36 1.79 -21.51
CA TRP A 407 -4.28 0.68 -21.53
C TRP A 407 -5.23 0.86 -20.36
N ASP A 408 -6.53 1.04 -20.64
CA ASP A 408 -7.49 1.41 -19.61
C ASP A 408 -8.51 0.30 -19.42
N PHE A 409 -8.51 -0.29 -18.22
CA PHE A 409 -9.37 -1.43 -17.89
C PHE A 409 -10.63 -1.02 -17.15
N LEU A 410 -10.88 0.28 -17.05
CA LEU A 410 -12.11 0.79 -16.46
C LEU A 410 -13.05 1.35 -17.52
N PRO B 1 8.40 6.31 42.00
CA PRO B 1 7.38 6.74 42.97
C PRO B 1 6.11 5.91 42.89
N SER B 2 5.37 5.82 43.99
CA SER B 2 4.09 5.13 44.00
C SER B 2 2.94 6.11 44.22
N ILE B 3 1.80 5.80 43.59
CA ILE B 3 0.59 6.60 43.72
C ILE B 3 -0.54 5.68 44.15
N LYS B 4 -1.36 6.13 45.08
CA LYS B 4 -2.50 5.36 45.56
C LYS B 4 -3.71 5.56 44.65
N LEU B 5 -4.26 4.47 44.12
CA LEU B 5 -5.53 4.52 43.42
C LEU B 5 -6.63 4.05 44.35
N GLN B 6 -7.76 4.75 44.32
CA GLN B 6 -8.86 4.47 45.26
C GLN B 6 -10.10 4.05 44.46
N SER B 7 -10.49 2.79 44.60
CA SER B 7 -11.62 2.27 43.84
C SER B 7 -12.93 2.79 44.43
N SER B 8 -14.00 2.65 43.65
CA SER B 8 -15.32 3.10 44.10
C SER B 8 -15.73 2.44 45.40
N ASP B 9 -15.29 1.20 45.64
CA ASP B 9 -15.51 0.57 46.93
C ASP B 9 -14.77 1.27 48.05
N GLY B 10 -13.52 1.64 47.81
CA GLY B 10 -12.70 2.25 48.84
C GLY B 10 -11.37 1.56 49.02
N GLU B 11 -11.26 0.34 48.48
CA GLU B 11 -9.99 -0.38 48.54
C GLU B 11 -8.92 0.39 47.77
N ILE B 12 -7.76 0.55 48.40
CA ILE B 12 -6.65 1.34 47.86
C ILE B 12 -5.60 0.41 47.28
N PHE B 13 -5.09 0.77 46.11
CA PHE B 13 -4.05 0.02 45.43
C PHE B 13 -2.81 0.89 45.31
N GLU B 14 -1.66 0.35 45.72
CA GLU B 14 -0.37 0.98 45.47
C GLU B 14 0.07 0.59 44.07
N VAL B 15 0.26 1.58 43.22
CA VAL B 15 0.58 1.40 41.82
C VAL B 15 1.77 2.29 41.43
N ASP B 16 2.67 1.77 40.59
CA ASP B 16 3.80 2.56 40.10
C ASP B 16 3.32 3.72 39.24
N VAL B 17 3.96 4.89 39.42
CA VAL B 17 3.50 6.09 38.71
C VAL B 17 3.48 5.96 37.19
N GLU B 18 4.43 5.24 36.57
CA GLU B 18 4.43 5.22 35.10
C GLU B 18 3.39 4.31 34.44
N ILE B 19 3.01 3.21 35.08
CA ILE B 19 1.89 2.38 34.61
C ILE B 19 0.54 3.06 34.83
N ALA B 20 0.29 3.57 36.05
CA ALA B 20 -0.95 4.26 36.36
C ALA B 20 -1.26 5.29 35.27
N LYS B 21 -0.24 6.00 34.83
CA LYS B 21 -0.30 7.12 33.91
C LYS B 21 -0.51 6.65 32.46
N GLN B 22 -0.74 5.35 32.25
CA GLN B 22 -1.28 4.91 30.96
C GLN B 22 -2.71 5.36 30.74
N SER B 23 -3.45 5.62 31.82
CA SER B 23 -4.74 6.30 31.73
C SER B 23 -4.48 7.80 31.69
N VAL B 24 -4.76 8.44 30.56
CA VAL B 24 -4.64 9.90 30.50
C VAL B 24 -5.51 10.54 31.57
N THR B 25 -6.69 9.96 31.82
CA THR B 25 -7.57 10.50 32.86
C THR B 25 -6.87 10.51 34.22
N ILE B 26 -6.31 9.37 34.63
CA ILE B 26 -5.63 9.36 35.92
C ILE B 26 -4.37 10.26 35.86
N LYS B 27 -3.71 10.32 34.70
CA LYS B 27 -2.54 11.20 34.54
C LYS B 27 -2.92 12.66 34.72
N THR B 28 -4.05 13.07 34.15
CA THR B 28 -4.55 14.44 34.30
C THR B 28 -4.82 14.78 35.77
N MET B 29 -5.44 13.85 36.50
CA MET B 29 -5.75 14.10 37.91
C MET B 29 -4.48 14.31 38.72
N LEU B 30 -3.43 13.55 38.42
CA LEU B 30 -2.12 13.75 39.04
C LEU B 30 -1.46 15.05 38.58
N GLU B 31 -1.22 15.18 37.26
CA GLU B 31 -0.34 16.24 36.78
C GLU B 31 -1.01 17.61 36.84
N ASP B 32 -2.30 17.70 36.55
CA ASP B 32 -2.94 19.00 36.48
C ASP B 32 -3.70 19.39 37.74
N LEU B 33 -4.30 18.43 38.44
CA LEU B 33 -5.02 18.74 39.67
C LEU B 33 -4.24 18.38 40.93
N GLY B 34 -3.11 17.69 40.81
CA GLY B 34 -2.24 17.35 41.92
C GLY B 34 -2.92 16.67 43.08
N MET B 35 -3.68 15.61 42.79
CA MET B 35 -4.48 14.92 43.79
C MET B 35 -3.79 13.63 44.21
N ASP B 36 -3.69 13.41 45.51
CA ASP B 36 -3.25 12.14 46.02
C ASP B 36 -3.97 11.83 47.32
N PRO B 37 -4.62 10.65 47.41
CA PRO B 37 -4.79 9.69 46.30
C PRO B 37 -5.73 10.08 45.16
N VAL B 38 -5.87 9.18 44.19
CA VAL B 38 -6.76 9.40 43.04
C VAL B 38 -8.06 8.66 43.27
N PRO B 39 -9.16 9.35 43.56
CA PRO B 39 -10.45 8.66 43.72
C PRO B 39 -10.94 8.20 42.35
N LEU B 40 -11.54 7.02 42.31
CA LEU B 40 -12.13 6.46 41.09
C LEU B 40 -13.55 6.02 41.39
N PRO B 41 -14.49 6.96 41.42
CA PRO B 41 -15.88 6.61 41.79
C PRO B 41 -16.58 5.71 40.78
N ASN B 42 -16.05 5.57 39.57
CA ASN B 42 -16.71 4.81 38.51
C ASN B 42 -16.12 3.44 38.27
N VAL B 43 -15.12 3.04 39.06
CA VAL B 43 -14.43 1.76 38.89
C VAL B 43 -14.35 1.09 40.25
N ASN B 44 -14.97 -0.08 40.37
CA ASN B 44 -14.91 -0.83 41.62
C ASN B 44 -13.60 -1.63 41.71
N ALA B 45 -13.37 -2.20 42.90
CA ALA B 45 -12.09 -2.84 43.16
C ALA B 45 -11.87 -4.03 42.24
N ALA B 46 -12.92 -4.79 41.94
CA ALA B 46 -12.76 -5.99 41.13
C ALA B 46 -12.34 -5.64 39.70
N ILE B 47 -12.98 -4.62 39.13
CA ILE B 47 -12.62 -4.19 37.78
C ILE B 47 -11.28 -3.48 37.80
N LEU B 48 -11.02 -2.68 38.84
CA LEU B 48 -9.77 -1.94 38.93
C LEU B 48 -8.58 -2.88 38.96
N LYS B 49 -8.68 -3.97 39.74
CA LYS B 49 -7.58 -4.94 39.75
C LYS B 49 -7.36 -5.55 38.37
N LYS B 50 -8.45 -5.88 37.67
CA LYS B 50 -8.33 -6.38 36.30
C LYS B 50 -7.64 -5.39 35.37
N VAL B 51 -7.97 -4.09 35.46
CA VAL B 51 -7.33 -3.11 34.58
C VAL B 51 -5.85 -2.95 34.92
N ILE B 52 -5.53 -2.83 36.20
CA ILE B 52 -4.13 -2.70 36.61
C ILE B 52 -3.31 -3.87 36.06
N GLN B 53 -3.85 -5.08 36.16
CA GLN B 53 -3.15 -6.25 35.61
C GLN B 53 -2.87 -6.07 34.13
N TRP B 54 -3.87 -5.60 33.38
CA TRP B 54 -3.70 -5.41 31.94
C TRP B 54 -2.67 -4.33 31.64
N CYS B 55 -2.65 -3.26 32.44
CA CYS B 55 -1.73 -2.16 32.19
C CYS B 55 -0.28 -2.58 32.45
N THR B 56 -0.03 -3.33 33.52
CA THR B 56 1.32 -3.82 33.79
C THR B 56 1.86 -4.64 32.62
N HIS B 57 1.10 -5.63 32.16
CA HIS B 57 1.55 -6.48 31.06
C HIS B 57 1.87 -5.68 29.80
N HIS B 58 1.26 -4.51 29.63
CA HIS B 58 1.41 -3.71 28.41
C HIS B 58 2.25 -2.45 28.59
N LYS B 59 3.09 -2.40 29.62
CA LYS B 59 3.97 -1.26 29.86
C LYS B 59 4.70 -0.78 28.61
N ASP B 65 -4.15 -6.02 16.18
CA ASP B 65 -3.17 -5.79 17.24
C ASP B 65 -3.72 -6.23 18.59
N ILE B 66 -4.23 -7.45 18.64
CA ILE B 66 -4.65 -8.11 19.88
C ILE B 66 -3.84 -9.38 20.05
N PRO B 67 -2.83 -9.38 20.94
CA PRO B 67 -2.03 -10.60 21.15
C PRO B 67 -2.72 -11.76 21.88
N VAL B 68 -1.94 -12.81 22.12
CA VAL B 68 -2.42 -14.04 22.76
C VAL B 68 -2.64 -13.89 24.26
N TRP B 69 -1.81 -13.12 24.95
CA TRP B 69 -2.01 -12.94 26.40
C TRP B 69 -3.30 -12.20 26.70
N ASP B 70 -3.67 -11.24 25.86
CA ASP B 70 -4.90 -10.48 26.08
C ASP B 70 -6.14 -11.35 25.85
N GLN B 71 -6.10 -12.19 24.83
CA GLN B 71 -7.21 -13.10 24.56
C GLN B 71 -7.52 -13.99 25.78
N GLU B 72 -6.49 -14.50 26.45
CA GLU B 72 -6.73 -15.28 27.66
C GLU B 72 -7.26 -14.39 28.78
N PHE B 73 -6.74 -13.16 28.88
CA PHE B 73 -7.22 -12.20 29.87
C PHE B 73 -8.69 -11.85 29.67
N LEU B 74 -9.18 -11.94 28.44
CA LEU B 74 -10.54 -11.52 28.12
C LEU B 74 -11.53 -12.68 28.09
N LYS B 75 -11.11 -13.87 28.53
CA LYS B 75 -12.02 -15.01 28.67
C LYS B 75 -12.83 -14.82 29.96
N VAL B 76 -13.77 -13.88 29.90
CA VAL B 76 -14.66 -13.56 31.00
C VAL B 76 -16.07 -13.41 30.45
N ASP B 77 -17.04 -13.37 31.36
CA ASP B 77 -18.42 -13.20 30.92
C ASP B 77 -18.64 -11.82 30.33
N GLN B 78 -19.73 -11.70 29.57
CA GLN B 78 -20.05 -10.44 28.88
C GLN B 78 -20.29 -9.29 29.86
N GLY B 79 -20.87 -9.58 31.03
CA GLY B 79 -21.07 -8.53 32.01
C GLY B 79 -19.77 -7.90 32.46
N THR B 80 -18.73 -8.72 32.62
CA THR B 80 -17.43 -8.19 33.05
C THR B 80 -16.73 -7.46 31.91
N LEU B 81 -16.83 -8.00 30.70
CA LEU B 81 -16.31 -7.31 29.52
C LEU B 81 -16.98 -5.96 29.33
N PHE B 82 -18.29 -5.89 29.57
CA PHE B 82 -18.98 -4.59 29.48
C PHE B 82 -18.43 -3.63 30.53
N GLU B 83 -18.29 -4.09 31.77
CA GLU B 83 -17.70 -3.26 32.82
C GLU B 83 -16.27 -2.86 32.45
N LEU B 84 -15.55 -3.73 31.74
CA LEU B 84 -14.19 -3.43 31.34
C LEU B 84 -14.16 -2.35 30.27
N ILE B 85 -15.04 -2.44 29.28
CA ILE B 85 -15.21 -1.38 28.29
C ILE B 85 -15.49 -0.06 28.99
N LEU B 86 -16.38 -0.06 30.00
CA LEU B 86 -16.74 1.18 30.67
C LEU B 86 -15.55 1.76 31.43
N ALA B 87 -14.81 0.91 32.14
CA ALA B 87 -13.65 1.39 32.88
C ALA B 87 -12.61 1.96 31.92
N ALA B 88 -12.37 1.28 30.80
CA ALA B 88 -11.37 1.75 29.84
C ALA B 88 -11.79 3.09 29.24
N ASN B 89 -13.08 3.28 28.99
CA ASN B 89 -13.59 4.57 28.56
C ASN B 89 -13.39 5.63 29.64
N TYR B 90 -13.87 5.34 30.85
CA TYR B 90 -13.74 6.31 31.95
C TYR B 90 -12.28 6.66 32.20
N LEU B 91 -11.39 5.66 32.18
CA LEU B 91 -9.99 5.96 32.42
C LEU B 91 -9.28 6.43 31.15
N ASP B 92 -9.90 6.26 29.98
CA ASP B 92 -9.32 6.62 28.70
C ASP B 92 -7.98 5.90 28.49
N ILE B 93 -8.05 4.58 28.53
CA ILE B 93 -6.93 3.72 28.19
C ILE B 93 -7.26 3.16 26.80
N LYS B 94 -6.77 3.88 25.78
CA LYS B 94 -7.13 3.56 24.39
C LYS B 94 -6.80 2.12 24.04
N GLY B 95 -5.66 1.61 24.51
CA GLY B 95 -5.29 0.24 24.20
C GLY B 95 -6.32 -0.76 24.69
N LEU B 96 -6.76 -0.61 25.94
CA LEU B 96 -7.74 -1.54 26.49
C LEU B 96 -9.11 -1.37 25.86
N LEU B 97 -9.53 -0.12 25.60
CA LEU B 97 -10.82 0.09 24.95
C LEU B 97 -10.85 -0.53 23.57
N ASP B 98 -9.71 -0.50 22.88
CA ASP B 98 -9.64 -1.00 21.50
C ASP B 98 -9.73 -2.52 21.47
N VAL B 99 -8.99 -3.21 22.34
CA VAL B 99 -9.00 -4.67 22.32
C VAL B 99 -10.34 -5.22 22.80
N THR B 100 -10.97 -4.55 23.78
CA THR B 100 -12.28 -5.01 24.23
C THR B 100 -13.35 -4.77 23.16
N CYS B 101 -13.28 -3.64 22.47
CA CYS B 101 -14.25 -3.37 21.41
C CYS B 101 -14.03 -4.32 20.22
N LYS B 102 -12.77 -4.53 19.84
CA LYS B 102 -12.47 -5.53 18.82
C LYS B 102 -12.95 -6.91 19.23
N THR B 103 -12.85 -7.24 20.52
CA THR B 103 -13.33 -8.53 20.98
C THR B 103 -14.84 -8.68 20.76
N VAL B 104 -15.59 -7.60 20.98
CA VAL B 104 -17.03 -7.67 20.78
C VAL B 104 -17.36 -7.81 19.30
N ALA B 105 -16.60 -7.09 18.45
CA ALA B 105 -16.84 -7.18 17.01
C ALA B 105 -16.57 -8.59 16.50
N ASN B 106 -15.57 -9.27 17.09
CA ASN B 106 -15.28 -10.64 16.68
C ASN B 106 -16.40 -11.59 17.09
N MET B 107 -17.15 -11.24 18.13
CA MET B 107 -18.32 -12.01 18.53
C MET B 107 -19.52 -11.74 17.64
N ILE B 108 -19.46 -10.70 16.82
CA ILE B 108 -20.56 -10.33 15.93
C ILE B 108 -20.33 -10.85 14.51
N LYS B 109 -19.08 -10.81 14.04
CA LYS B 109 -18.78 -11.05 12.63
C LYS B 109 -19.07 -12.49 12.24
N GLY B 110 -19.42 -12.66 10.96
CA GLY B 110 -19.66 -13.98 10.41
C GLY B 110 -20.87 -14.74 10.92
N LYS B 111 -21.87 -14.04 11.47
CA LYS B 111 -23.06 -14.70 11.99
C LYS B 111 -24.31 -14.13 11.32
N THR B 112 -25.33 -14.97 11.15
CA THR B 112 -26.64 -14.50 10.76
C THR B 112 -27.24 -13.67 11.90
N PRO B 113 -28.21 -12.79 11.59
CA PRO B 113 -28.90 -12.06 12.66
C PRO B 113 -29.42 -12.95 13.76
N GLU B 114 -29.99 -14.11 13.43
CA GLU B 114 -30.50 -14.99 14.48
C GLU B 114 -29.39 -15.51 15.39
N GLU B 115 -28.25 -15.88 14.83
CA GLU B 115 -27.14 -16.32 15.67
C GLU B 115 -26.57 -15.18 16.52
N ILE B 116 -26.57 -13.96 15.99
CA ILE B 116 -26.13 -12.81 16.79
C ILE B 116 -27.05 -12.62 18.00
N ARG B 117 -28.35 -12.61 17.75
CA ARG B 117 -29.33 -12.53 18.85
C ARG B 117 -29.02 -13.54 19.95
N LYS B 118 -28.75 -14.79 19.55
CA LYS B 118 -28.49 -15.84 20.54
C LYS B 118 -27.22 -15.57 21.34
N THR B 119 -26.19 -15.03 20.68
CA THR B 119 -24.94 -14.73 21.36
C THR B 119 -25.15 -13.77 22.52
N PHE B 120 -25.93 -12.71 22.30
CA PHE B 120 -26.06 -11.62 23.27
C PHE B 120 -27.39 -11.61 24.01
N ASN B 121 -28.26 -12.59 23.77
CA ASN B 121 -29.58 -12.69 24.41
C ASN B 121 -30.45 -11.48 24.06
N ILE B 122 -30.63 -11.26 22.76
CA ILE B 122 -31.37 -10.13 22.21
C ILE B 122 -32.63 -10.64 21.55
N LYS B 123 -33.77 -10.05 21.89
CA LYS B 123 -35.04 -10.42 21.30
C LYS B 123 -35.25 -9.64 20.01
N ASN B 124 -35.78 -10.32 19.00
CA ASN B 124 -36.06 -9.68 17.71
C ASN B 124 -37.35 -8.87 17.86
N ASP B 125 -37.24 -7.55 17.70
CA ASP B 125 -38.39 -6.66 17.86
C ASP B 125 -38.84 -5.99 16.57
N PHE B 126 -38.37 -6.46 15.41
CA PHE B 126 -38.93 -5.98 14.15
C PHE B 126 -40.34 -6.51 13.95
N THR B 127 -41.22 -5.65 13.44
CA THR B 127 -42.39 -6.13 12.73
C THR B 127 -41.94 -6.97 11.54
N GLU B 128 -42.80 -7.90 11.12
CA GLU B 128 -42.55 -8.64 9.88
C GLU B 128 -42.27 -7.67 8.76
N GLU B 129 -43.17 -6.69 8.57
CA GLU B 129 -43.00 -5.69 7.51
C GLU B 129 -41.66 -4.97 7.60
N GLU B 130 -41.28 -4.52 8.81
CA GLU B 130 -40.04 -3.75 8.94
C GLU B 130 -38.82 -4.60 8.60
N GLU B 131 -38.82 -5.87 9.01
CA GLU B 131 -37.67 -6.73 8.74
C GLU B 131 -37.52 -6.98 7.25
N ALA B 132 -38.63 -7.25 6.55
CA ALA B 132 -38.58 -7.43 5.11
C ALA B 132 -38.00 -6.21 4.41
N GLN B 133 -38.36 -5.01 4.86
CA GLN B 133 -37.83 -3.79 4.26
C GLN B 133 -36.32 -3.67 4.46
N VAL B 134 -35.86 -3.86 5.70
CA VAL B 134 -34.41 -3.84 5.96
C VAL B 134 -33.70 -4.91 5.13
N ARG B 135 -34.35 -6.07 4.98
CA ARG B 135 -33.77 -7.19 4.24
C ARG B 135 -33.77 -6.91 2.73
N LYS B 136 -34.84 -6.30 2.22
CA LYS B 136 -34.92 -5.94 0.82
C LYS B 136 -33.78 -5.01 0.42
N GLU B 137 -33.32 -4.15 1.34
CA GLU B 137 -32.28 -3.19 1.05
C GLU B 137 -30.89 -3.77 1.17
N ASN B 138 -30.78 -5.08 1.39
CA ASN B 138 -29.53 -5.82 1.24
C ASN B 138 -29.72 -6.89 0.15
N TYR C 15 22.65 -3.46 -29.55
CA TYR C 15 23.30 -2.16 -29.49
C TYR C 15 22.29 -1.03 -29.73
N LEU C 16 21.24 -1.33 -30.48
CA LEU C 16 20.19 -0.34 -30.71
C LEU C 16 19.49 0.04 -29.42
N ASP C 17 19.45 -0.87 -28.44
CA ASP C 17 18.96 -0.55 -27.11
C ASP C 17 20.11 -0.06 -26.24
N GLY C 19 19.74 1.26 -23.28
CA GLY C 19 19.34 1.18 -21.89
C GLY C 19 19.92 0.04 -21.08
N ILE C 20 20.29 -1.05 -21.75
CA ILE C 20 20.82 -2.23 -21.09
C ILE C 20 22.06 -2.70 -21.85
N HIS C 21 22.89 -3.48 -21.17
CA HIS C 21 24.12 -3.96 -21.77
C HIS C 21 24.47 -5.34 -21.22
N SER C 22 24.93 -6.21 -22.12
CA SER C 22 25.38 -7.55 -21.76
C SER C 22 26.68 -7.47 -20.96
N GLY C 23 27.21 -8.64 -20.61
CA GLY C 23 28.50 -8.74 -19.98
C GLY C 23 29.62 -8.89 -20.99
N ALA C 24 29.73 -7.93 -21.90
CA ALA C 24 30.74 -7.99 -22.96
C ALA C 24 31.76 -6.87 -22.81
#